data_3P5X
#
_entry.id   3P5X
#
_cell.length_a   48.519
_cell.length_b   56.039
_cell.length_c   70.916
_cell.angle_alpha   90.000
_cell.angle_beta   90.000
_cell.angle_gamma   90.000
#
_symmetry.space_group_name_H-M   'P 21 21 21'
#
loop_
_entity.id
_entity.type
_entity.pdbx_description
1 polymer Actinidin
2 non-polymer 'CADMIUM ION'
3 water water
#
_entity_poly.entity_id   1
_entity_poly.type   'polypeptide(L)'
_entity_poly.pdbx_seq_one_letter_code
;LPDYVDWRSSGAVVDIKDQGQCGS(CSO)WAFSTIAAVEGINKIATGDLISLSEQELVDCGRTQNTRGCDGGFMTDGFQF
IINNGGINTEANYPYTAEEGQCNLDLQQEKYVSIDTYENVPYNNEWALQTAVAYQPVSVALEAAGYNFQHYSSGIFTGPC
GTAVDHAVTIVGYGTEGGIDYWIVKNSWGTTWGEEGYMRIQRNVGGVGQCGIAKKASYPVKYYN
;
_entity_poly.pdbx_strand_id   A
#
loop_
_chem_comp.id
_chem_comp.type
_chem_comp.name
_chem_comp.formula
CD non-polymer 'CADMIUM ION' 'Cd 2'
#
# COMPACT_ATOMS: atom_id res chain seq x y z
N LEU A 1 -3.79 -6.99 -21.26
CA LEU A 1 -4.10 -7.10 -19.81
C LEU A 1 -5.62 -7.19 -19.60
N PRO A 2 -6.07 -7.68 -18.42
CA PRO A 2 -7.50 -7.71 -18.11
C PRO A 2 -8.13 -6.31 -18.05
N ASP A 3 -9.43 -6.23 -18.34
CA ASP A 3 -10.16 -4.96 -18.32
C ASP A 3 -10.50 -4.53 -16.89
N TYR A 4 -10.63 -5.51 -16.00
CA TYR A 4 -10.96 -5.27 -14.60
C TYR A 4 -10.10 -6.14 -13.69
N VAL A 5 -9.55 -5.53 -12.65
CA VAL A 5 -8.80 -6.23 -11.61
C VAL A 5 -9.29 -5.75 -10.25
N ASP A 6 -9.55 -6.71 -9.35
CA ASP A 6 -9.94 -6.39 -7.98
C ASP A 6 -9.45 -7.46 -7.01
N TRP A 7 -8.28 -7.22 -6.41
CA TRP A 7 -7.67 -8.21 -5.51
C TRP A 7 -8.50 -8.59 -4.28
N ARG A 8 -9.46 -7.73 -3.92
CA ARG A 8 -10.40 -8.02 -2.82
C ARG A 8 -11.33 -9.18 -3.15
N SER A 9 -11.75 -9.26 -4.42
CA SER A 9 -12.68 -10.29 -4.89
C SER A 9 -12.11 -11.71 -4.85
N SER A 10 -10.78 -11.83 -4.73
CA SER A 10 -10.11 -13.13 -4.66
CA SER A 10 -10.09 -13.13 -4.67
C SER A 10 -9.40 -13.35 -3.32
N GLY A 11 -9.76 -12.54 -2.33
CA GLY A 11 -9.25 -12.70 -0.95
C GLY A 11 -7.79 -12.38 -0.71
N ALA A 12 -7.25 -11.42 -1.48
CA ALA A 12 -5.85 -11.01 -1.33
C ALA A 12 -5.70 -9.67 -0.59
N VAL A 13 -6.80 -9.21 0.03
CA VAL A 13 -6.82 -7.93 0.75
C VAL A 13 -7.43 -8.06 2.15
N VAL A 14 -6.64 -7.69 3.15
CA VAL A 14 -7.11 -7.64 4.53
C VAL A 14 -8.08 -6.46 4.71
N ASP A 15 -9.01 -6.60 5.62
CA ASP A 15 -9.96 -5.53 5.94
C ASP A 15 -9.25 -4.20 6.23
N ILE A 16 -9.91 -3.11 5.84
CA ILE A 16 -9.41 -1.74 6.01
C ILE A 16 -8.92 -1.47 7.43
N LYS A 17 -7.75 -0.83 7.52
CA LYS A 17 -7.14 -0.41 8.79
C LYS A 17 -7.10 1.11 8.91
N ASP A 18 -6.77 1.59 10.10
CA ASP A 18 -6.68 3.01 10.39
C ASP A 18 -5.31 3.29 10.99
N GLN A 19 -4.54 4.17 10.35
CA GLN A 19 -3.23 4.57 10.88
C GLN A 19 -3.32 5.51 12.10
N GLY A 20 -4.51 6.09 12.30
CA GLY A 20 -4.72 7.06 13.41
C GLY A 20 -3.85 8.31 13.33
N GLN A 21 -3.52 8.84 14.51
CA GLN A 21 -2.74 10.08 14.65
C GLN A 21 -1.24 9.83 14.51
N CYS A 22 -0.86 9.24 13.37
CA CYS A 22 0.52 8.81 13.14
C CYS A 22 0.74 8.76 11.63
N GLY A 23 1.82 9.40 11.18
CA GLY A 23 2.19 9.41 9.77
C GLY A 23 2.93 8.14 9.40
N SER A 24 2.28 7.01 9.62
CA SER A 24 2.89 5.71 9.41
C SER A 24 2.43 5.12 8.07
N CSO A 25 1.77 5.95 7.26
CA CSO A 25 1.08 5.51 5.97
CB CSO A 25 0.47 6.58 5.07
SG CSO A 25 1.53 7.92 4.68
C CSO A 25 1.98 4.61 5.13
O CSO A 25 1.51 3.68 4.57
OD CSO A 25 1.38 8.69 6.14
N TRP A 26 3.28 4.94 5.11
CA TRP A 26 4.33 4.21 4.38
C TRP A 26 4.30 2.73 4.82
N ALA A 27 4.06 2.49 6.11
CA ALA A 27 4.04 1.15 6.69
C ALA A 27 2.78 0.37 6.31
N PHE A 28 1.64 1.05 6.33
CA PHE A 28 0.38 0.44 5.89
C PHE A 28 0.38 0.04 4.42
N SER A 29 1.02 0.86 3.60
CA SER A 29 1.17 0.57 2.18
C SER A 29 2.09 -0.63 1.92
N THR A 30 3.27 -0.63 2.56
CA THR A 30 4.18 -1.78 2.56
C THR A 30 3.44 -3.08 2.90
N ILE A 31 2.83 -3.10 4.09
CA ILE A 31 2.09 -4.26 4.62
C ILE A 31 0.97 -4.75 3.71
N ALA A 32 0.10 -3.84 3.26
CA ALA A 32 -0.99 -4.23 2.35
C ALA A 32 -0.47 -4.90 1.07
N ALA A 33 0.63 -4.37 0.53
CA ALA A 33 1.30 -5.01 -0.61
C ALA A 33 1.88 -6.39 -0.28
N VAL A 34 2.57 -6.50 0.86
CA VAL A 34 3.12 -7.78 1.33
C VAL A 34 2.02 -8.80 1.59
N GLU A 35 0.98 -8.40 2.33
CA GLU A 35 -0.23 -9.23 2.53
C GLU A 35 -0.78 -9.80 1.22
N GLY A 36 -0.82 -8.95 0.19
CA GLY A 36 -1.37 -9.32 -1.10
C GLY A 36 -0.54 -10.35 -1.84
N ILE A 37 0.77 -10.13 -1.93
CA ILE A 37 1.63 -11.09 -2.65
C ILE A 37 1.73 -12.45 -1.91
N ASN A 38 1.70 -12.43 -0.57
CA ASN A 38 1.64 -13.66 0.21
C ASN A 38 0.43 -14.50 -0.16
N LYS A 39 -0.76 -13.89 -0.14
CA LYS A 39 -1.96 -14.59 -0.60
C LYS A 39 -1.81 -15.15 -2.02
N ILE A 40 -1.31 -14.31 -2.93
CA ILE A 40 -1.12 -14.69 -4.31
C ILE A 40 -0.16 -15.89 -4.47
N ALA A 41 0.98 -15.84 -3.78
CA ALA A 41 1.98 -16.90 -3.89
C ALA A 41 1.69 -18.14 -3.04
N THR A 42 1.11 -17.96 -1.85
CA THR A 42 0.95 -19.07 -0.89
C THR A 42 -0.49 -19.56 -0.72
N GLY A 43 -1.47 -18.75 -1.11
CA GLY A 43 -2.88 -19.10 -0.95
C GLY A 43 -3.49 -18.73 0.39
N ASP A 44 -2.67 -18.19 1.30
CA ASP A 44 -3.16 -17.79 2.62
C ASP A 44 -3.14 -16.27 2.80
N LEU A 45 -4.25 -15.72 3.31
CA LEU A 45 -4.31 -14.31 3.71
C LEU A 45 -4.00 -14.14 5.21
N ILE A 46 -2.92 -13.42 5.49
CA ILE A 46 -2.49 -13.13 6.86
C ILE A 46 -2.33 -11.60 7.04
N SER A 47 -2.96 -11.06 8.08
CA SER A 47 -2.79 -9.66 8.41
C SER A 47 -1.46 -9.45 9.15
N LEU A 48 -0.64 -8.53 8.64
CA LEU A 48 0.73 -8.37 9.10
C LEU A 48 0.97 -7.06 9.86
N SER A 49 2.14 -6.94 10.48
CA SER A 49 2.38 -5.91 11.50
C SER A 49 2.96 -4.59 10.97
N GLU A 50 2.16 -3.53 11.02
CA GLU A 50 2.63 -2.19 10.69
C GLU A 50 3.53 -1.67 11.81
N GLN A 51 3.16 -1.99 13.06
CA GLN A 51 3.93 -1.52 14.21
C GLN A 51 5.39 -1.94 14.12
N GLU A 52 5.60 -3.18 13.68
CA GLU A 52 6.95 -3.71 13.51
C GLU A 52 7.80 -2.82 12.59
N LEU A 53 7.21 -2.34 11.50
CA LEU A 53 7.90 -1.42 10.60
C LEU A 53 8.18 -0.07 11.26
N VAL A 54 7.17 0.45 11.95
CA VAL A 54 7.29 1.71 12.69
C VAL A 54 8.44 1.64 13.70
N ASP A 55 8.44 0.60 14.52
CA ASP A 55 9.39 0.44 15.62
C ASP A 55 10.77 -0.05 15.18
N CYS A 56 10.81 -0.96 14.22
CA CYS A 56 12.03 -1.72 13.90
C CYS A 56 12.63 -1.40 12.52
N GLY A 57 11.90 -0.65 11.70
CA GLY A 57 12.36 -0.32 10.36
C GLY A 57 12.79 1.12 10.15
N ARG A 58 13.24 1.77 11.22
CA ARG A 58 13.76 3.14 11.14
C ARG A 58 15.02 3.18 10.29
N THR A 59 15.07 4.18 9.40
CA THR A 59 16.28 4.47 8.62
C THR A 59 16.52 5.98 8.68
N GLN A 60 17.54 6.42 7.94
CA GLN A 60 17.83 7.84 7.77
C GLN A 60 16.62 8.57 7.19
N ASN A 61 15.89 7.90 6.29
CA ASN A 61 14.76 8.50 5.58
C ASN A 61 13.39 8.12 6.16
N THR A 62 13.32 6.95 6.80
CA THR A 62 12.06 6.41 7.32
C THR A 62 12.01 6.50 8.84
N ARG A 63 11.03 7.27 9.33
CA ARG A 63 11.00 7.65 10.75
C ARG A 63 9.63 7.45 11.40
N GLY A 64 9.18 6.19 11.49
CA GLY A 64 7.94 5.85 12.20
C GLY A 64 6.73 6.71 11.85
N CYS A 65 6.28 7.50 12.82
CA CYS A 65 5.10 8.37 12.65
C CYS A 65 5.40 9.67 11.91
N ASP A 66 6.68 9.93 11.61
CA ASP A 66 7.08 11.13 10.88
C ASP A 66 7.36 10.84 9.40
N GLY A 67 6.64 9.89 8.82
CA GLY A 67 6.78 9.58 7.40
C GLY A 67 7.88 8.60 7.08
N GLY A 68 7.87 8.09 5.87
CA GLY A 68 8.84 7.08 5.45
C GLY A 68 8.60 6.60 4.03
N PHE A 69 9.18 5.46 3.71
CA PHE A 69 9.23 4.96 2.34
C PHE A 69 8.98 3.48 2.32
N MET A 70 8.06 3.06 1.43
CA MET A 70 7.71 1.65 1.28
C MET A 70 8.91 0.79 0.89
N THR A 71 9.85 1.37 0.14
CA THR A 71 11.09 0.67 -0.23
C THR A 71 11.89 0.28 1.00
N ASP A 72 11.94 1.16 2.00
CA ASP A 72 12.50 0.82 3.31
C ASP A 72 11.69 -0.23 4.06
N GLY A 73 10.37 -0.22 3.86
CA GLY A 73 9.52 -1.27 4.42
C GLY A 73 9.85 -2.65 3.87
N PHE A 74 9.99 -2.75 2.55
CA PHE A 74 10.30 -4.02 1.90
C PHE A 74 11.70 -4.49 2.30
N GLN A 75 12.65 -3.55 2.34
CA GLN A 75 14.04 -3.85 2.70
CA GLN A 75 14.03 -3.85 2.69
C GLN A 75 14.15 -4.44 4.09
N PHE A 76 13.43 -3.85 5.05
CA PHE A 76 13.45 -4.34 6.42
C PHE A 76 12.98 -5.80 6.47
N ILE A 77 11.89 -6.09 5.77
CA ILE A 77 11.31 -7.43 5.73
C ILE A 77 12.27 -8.41 5.05
N ILE A 78 12.94 -7.98 3.99
CA ILE A 78 13.94 -8.80 3.30
C ILE A 78 15.08 -9.07 4.27
N ASN A 79 15.68 -7.98 4.78
CA ASN A 79 16.82 -8.05 5.69
C ASN A 79 16.52 -8.83 6.97
N ASN A 80 15.30 -8.69 7.48
CA ASN A 80 14.89 -9.38 8.71
C ASN A 80 14.60 -10.85 8.48
N GLY A 81 14.32 -11.22 7.24
CA GLY A 81 13.91 -12.58 6.91
C GLY A 81 12.43 -12.82 7.17
N GLY A 82 11.67 -11.73 7.24
CA GLY A 82 10.23 -11.82 7.39
C GLY A 82 9.61 -10.77 8.28
N ILE A 83 8.30 -10.89 8.49
CA ILE A 83 7.53 -9.95 9.28
C ILE A 83 6.54 -10.73 10.15
N ASN A 84 6.29 -10.23 11.36
CA ASN A 84 5.30 -10.82 12.28
C ASN A 84 3.88 -10.42 11.89
N THR A 85 2.90 -11.03 12.56
CA THR A 85 1.48 -10.76 12.28
C THR A 85 0.97 -9.52 13.02
N GLU A 86 -0.17 -8.99 12.56
CA GLU A 86 -0.85 -7.90 13.21
C GLU A 86 -1.25 -8.29 14.62
N ALA A 87 -1.79 -9.51 14.77
CA ALA A 87 -2.21 -10.02 16.08
C ALA A 87 -1.05 -10.11 17.08
N ASN A 88 0.12 -10.57 16.62
CA ASN A 88 1.27 -10.72 17.51
C ASN A 88 2.01 -9.44 17.84
N TYR A 89 2.00 -8.50 16.91
CA TYR A 89 2.67 -7.21 17.12
C TYR A 89 1.67 -6.12 16.72
N PRO A 90 0.70 -5.84 17.60
CA PRO A 90 -0.43 -4.97 17.24
C PRO A 90 -0.07 -3.48 17.13
N TYR A 91 -0.90 -2.77 16.38
CA TYR A 91 -0.71 -1.36 16.08
C TYR A 91 -1.14 -0.44 17.23
N THR A 92 -0.29 0.52 17.57
CA THR A 92 -0.53 1.42 18.70
C THR A 92 -0.62 2.88 18.28
N ALA A 93 -0.25 3.16 17.03
CA ALA A 93 -0.19 4.52 16.47
C ALA A 93 0.80 5.47 17.18
N GLU A 94 1.75 4.89 17.89
CA GLU A 94 2.87 5.64 18.46
C GLU A 94 4.15 4.89 18.17
N GLU A 95 5.25 5.62 18.11
CA GLU A 95 6.57 5.02 17.94
C GLU A 95 7.02 4.42 19.26
N GLY A 96 7.29 3.12 19.25
CA GLY A 96 7.71 2.42 20.45
C GLY A 96 9.06 1.79 20.23
N GLN A 97 9.58 1.16 21.27
CA GLN A 97 10.85 0.46 21.18
C GLN A 97 10.67 -0.83 20.39
N CYS A 98 11.64 -1.14 19.53
CA CYS A 98 11.60 -2.36 18.75
C CYS A 98 11.60 -3.57 19.67
N ASN A 99 10.54 -4.38 19.57
CA ASN A 99 10.40 -5.58 20.37
C ASN A 99 11.15 -6.72 19.68
N LEU A 100 12.37 -6.98 20.14
CA LEU A 100 13.26 -7.93 19.48
C LEU A 100 12.72 -9.34 19.39
N ASP A 101 12.01 -9.79 20.44
CA ASP A 101 11.35 -11.09 20.44
C ASP A 101 10.29 -11.19 19.35
N LEU A 102 9.49 -10.13 19.21
CA LEU A 102 8.43 -10.10 18.21
C LEU A 102 9.00 -9.95 16.79
N GLN A 103 10.05 -9.13 16.68
CA GLN A 103 10.85 -8.99 15.47
C GLN A 103 11.44 -10.32 14.98
N GLN A 104 11.65 -11.26 15.91
CA GLN A 104 12.21 -12.58 15.60
C GLN A 104 11.19 -13.61 15.17
N GLU A 105 9.91 -13.29 15.38
CA GLU A 105 8.81 -14.13 14.92
C GLU A 105 8.46 -13.75 13.48
N LYS A 106 8.73 -14.66 12.55
CA LYS A 106 8.57 -14.41 11.12
C LYS A 106 7.53 -15.33 10.49
N TYR A 107 6.37 -14.77 10.16
CA TYR A 107 5.27 -15.55 9.59
C TYR A 107 5.16 -15.42 8.07
N VAL A 108 5.54 -14.25 7.55
CA VAL A 108 5.52 -13.98 6.12
C VAL A 108 6.88 -13.39 5.71
N SER A 109 7.38 -13.82 4.55
CA SER A 109 8.60 -13.28 4.01
C SER A 109 8.48 -12.93 2.53
N ILE A 110 9.40 -12.10 2.06
CA ILE A 110 9.50 -11.77 0.64
C ILE A 110 10.96 -11.92 0.18
N ASP A 111 11.14 -12.13 -1.11
CA ASP A 111 12.48 -12.38 -1.65
C ASP A 111 13.19 -11.11 -2.10
N THR A 112 12.42 -10.13 -2.54
CA THR A 112 12.95 -8.97 -3.23
C THR A 112 11.83 -7.94 -3.34
N TYR A 113 12.13 -6.80 -3.96
CA TYR A 113 11.08 -5.87 -4.35
C TYR A 113 11.49 -5.15 -5.61
N GLU A 114 10.51 -4.58 -6.30
CA GLU A 114 10.77 -3.88 -7.54
C GLU A 114 10.07 -2.54 -7.57
N ASN A 115 10.69 -1.58 -8.26
CA ASN A 115 10.09 -0.28 -8.55
C ASN A 115 9.43 -0.34 -9.92
N VAL A 116 8.21 0.18 -10.03
CA VAL A 116 7.58 0.41 -11.35
C VAL A 116 8.28 1.61 -12.02
N PRO A 117 8.67 1.48 -13.31
CA PRO A 117 9.22 2.63 -14.04
C PRO A 117 8.35 3.88 -13.82
N TYR A 118 8.96 4.96 -13.37
CA TYR A 118 8.26 6.18 -12.99
C TYR A 118 7.40 6.77 -14.13
N ASN A 119 6.30 7.43 -13.75
CA ASN A 119 5.42 8.14 -14.68
C ASN A 119 4.99 7.27 -15.87
N ASN A 120 4.53 6.06 -15.58
CA ASN A 120 4.19 5.09 -16.62
C ASN A 120 2.99 4.26 -16.17
N GLU A 121 1.79 4.81 -16.39
CA GLU A 121 0.56 4.14 -15.95
C GLU A 121 0.40 2.77 -16.57
N TRP A 122 0.86 2.61 -17.81
CA TRP A 122 0.84 1.32 -18.49
C TRP A 122 1.64 0.27 -17.72
N ALA A 123 2.85 0.64 -17.28
CA ALA A 123 3.71 -0.23 -16.48
C ALA A 123 3.09 -0.45 -15.09
N LEU A 124 2.40 0.56 -14.57
CA LEU A 124 1.68 0.42 -13.31
C LEU A 124 0.51 -0.54 -13.43
N GLN A 125 -0.25 -0.42 -14.53
CA GLN A 125 -1.36 -1.34 -14.83
C GLN A 125 -0.89 -2.79 -14.96
N THR A 126 0.25 -2.99 -15.62
CA THR A 126 0.89 -4.30 -15.78
C THR A 126 1.20 -4.93 -14.43
N ALA A 127 1.81 -4.15 -13.53
CA ALA A 127 2.12 -4.61 -12.18
C ALA A 127 0.86 -4.92 -11.36
N VAL A 128 -0.15 -4.04 -11.45
CA VAL A 128 -1.42 -4.23 -10.73
C VAL A 128 -2.23 -5.44 -11.21
N ALA A 129 -2.13 -5.74 -12.51
CA ALA A 129 -2.77 -6.94 -13.07
C ALA A 129 -2.23 -8.20 -12.40
N TYR A 130 -1.02 -8.11 -11.85
CA TYR A 130 -0.41 -9.28 -11.17
C TYR A 130 -0.54 -9.29 -9.63
N GLN A 131 -0.63 -8.11 -9.01
CA GLN A 131 -0.65 -8.03 -7.52
C GLN A 131 -1.00 -6.61 -7.07
N PRO A 132 -1.40 -6.44 -5.79
CA PRO A 132 -1.43 -5.09 -5.24
C PRO A 132 -0.08 -4.36 -5.31
N VAL A 133 -0.13 -3.04 -5.50
CA VAL A 133 1.08 -2.21 -5.67
C VAL A 133 1.07 -1.00 -4.73
N SER A 134 2.17 -0.81 -4.02
CA SER A 134 2.37 0.32 -3.11
C SER A 134 2.63 1.58 -3.94
N VAL A 135 1.91 2.64 -3.63
CA VAL A 135 2.09 3.91 -4.33
C VAL A 135 2.01 5.05 -3.33
N ALA A 136 2.52 6.21 -3.72
CA ALA A 136 2.34 7.42 -2.94
C ALA A 136 1.68 8.47 -3.83
N LEU A 137 0.84 9.31 -3.22
CA LEU A 137 0.11 10.34 -3.94
C LEU A 137 -0.11 11.58 -3.07
N GLU A 138 -0.65 12.63 -3.69
CA GLU A 138 -0.93 13.90 -3.02
C GLU A 138 -2.34 13.89 -2.41
N ALA A 139 -2.40 13.74 -1.09
CA ALA A 139 -3.64 13.46 -0.38
C ALA A 139 -4.03 14.54 0.64
N ALA A 140 -3.34 15.67 0.60
CA ALA A 140 -3.52 16.74 1.59
C ALA A 140 -4.67 17.70 1.25
N GLY A 141 -5.13 17.69 0.00
CA GLY A 141 -6.15 18.65 -0.43
C GLY A 141 -7.54 18.36 0.14
N TYR A 142 -8.32 19.43 0.31
CA TYR A 142 -9.68 19.33 0.82
C TYR A 142 -10.50 18.24 0.13
N ASN A 143 -10.47 18.23 -1.20
CA ASN A 143 -11.30 17.31 -1.99
C ASN A 143 -10.93 15.83 -1.82
N PHE A 144 -9.63 15.55 -1.82
CA PHE A 144 -9.15 14.19 -1.56
C PHE A 144 -9.58 13.74 -0.16
N GLN A 145 -9.39 14.63 0.82
CA GLN A 145 -9.74 14.38 2.22
C GLN A 145 -11.23 14.15 2.45
N HIS A 146 -12.08 14.88 1.72
CA HIS A 146 -13.54 14.75 1.85
C HIS A 146 -14.22 13.85 0.82
N TYR A 147 -13.43 13.20 -0.03
CA TYR A 147 -13.92 12.18 -0.94
C TYR A 147 -14.76 11.14 -0.19
N SER A 148 -15.95 10.87 -0.71
CA SER A 148 -16.82 9.83 -0.14
C SER A 148 -17.37 8.85 -1.18
N SER A 149 -17.57 9.29 -2.42
CA SER A 149 -18.08 8.41 -3.47
C SER A 149 -17.70 8.86 -4.89
N GLY A 150 -17.67 7.90 -5.80
CA GLY A 150 -17.45 8.18 -7.21
C GLY A 150 -16.01 7.92 -7.63
N ILE A 151 -15.65 8.46 -8.78
CA ILE A 151 -14.28 8.40 -9.27
C ILE A 151 -13.65 9.76 -9.04
N PHE A 152 -12.60 9.78 -8.22
CA PHE A 152 -11.88 11.02 -7.94
C PHE A 152 -11.07 11.47 -9.15
N THR A 153 -11.31 12.71 -9.59
CA THR A 153 -10.65 13.30 -10.76
C THR A 153 -9.89 14.57 -10.36
N GLY A 154 -9.70 14.78 -9.07
CA GLY A 154 -9.07 16.01 -8.57
C GLY A 154 -10.09 17.06 -8.14
N PRO A 155 -9.63 18.29 -7.86
CA PRO A 155 -8.22 18.72 -8.00
C PRO A 155 -7.29 18.14 -6.94
N CYS A 156 -6.04 17.93 -7.34
CA CYS A 156 -4.98 17.54 -6.42
C CYS A 156 -3.63 17.94 -7.01
N GLY A 157 -2.65 18.16 -6.12
CA GLY A 157 -1.27 18.38 -6.53
C GLY A 157 -0.66 17.07 -6.96
N THR A 158 0.66 17.06 -7.12
CA THR A 158 1.37 15.85 -7.56
C THR A 158 2.54 15.46 -6.67
N ALA A 159 2.70 16.18 -5.55
CA ALA A 159 3.70 15.80 -4.53
C ALA A 159 3.24 14.54 -3.82
N VAL A 160 4.13 13.56 -3.72
CA VAL A 160 3.80 12.25 -3.13
C VAL A 160 3.84 12.25 -1.59
N ASP A 161 2.91 12.97 -0.97
CA ASP A 161 2.92 13.14 0.50
C ASP A 161 2.21 12.06 1.33
N HIS A 162 1.60 11.07 0.66
CA HIS A 162 0.82 10.04 1.37
C HIS A 162 0.80 8.71 0.59
N ALA A 163 1.18 7.63 1.27
CA ALA A 163 1.21 6.30 0.69
C ALA A 163 -0.13 5.58 0.83
N VAL A 164 -0.53 4.88 -0.23
CA VAL A 164 -1.72 4.01 -0.24
C VAL A 164 -1.34 2.76 -1.04
N THR A 165 -2.30 1.87 -1.25
CA THR A 165 -2.04 0.64 -2.00
C THR A 165 -3.08 0.48 -3.11
N ILE A 166 -2.61 0.29 -4.33
CA ILE A 166 -3.53 -0.05 -5.41
C ILE A 166 -3.90 -1.54 -5.32
N VAL A 167 -5.20 -1.82 -5.24
CA VAL A 167 -5.70 -3.19 -5.14
C VAL A 167 -6.54 -3.57 -6.37
N GLY A 168 -6.56 -2.70 -7.37
CA GLY A 168 -7.28 -3.00 -8.59
C GLY A 168 -7.47 -1.84 -9.54
N TYR A 169 -8.24 -2.10 -10.59
CA TYR A 169 -8.60 -1.09 -11.57
C TYR A 169 -9.81 -1.52 -12.39
N GLY A 170 -10.45 -0.56 -13.05
CA GLY A 170 -11.58 -0.85 -13.92
C GLY A 170 -12.04 0.35 -14.71
N THR A 171 -13.20 0.21 -15.34
CA THR A 171 -13.83 1.29 -16.09
C THR A 171 -15.31 1.37 -15.71
N GLU A 172 -15.80 2.59 -15.60
CA GLU A 172 -17.19 2.89 -15.31
C GLU A 172 -17.58 4.17 -16.03
N GLY A 173 -18.65 4.09 -16.81
CA GLY A 173 -19.15 5.24 -17.60
C GLY A 173 -18.12 5.80 -18.56
N GLY A 174 -17.27 4.91 -19.07
CA GLY A 174 -16.16 5.30 -19.94
C GLY A 174 -14.97 5.90 -19.21
N ILE A 175 -15.04 5.98 -17.88
CA ILE A 175 -13.94 6.53 -17.08
C ILE A 175 -13.12 5.46 -16.38
N ASP A 176 -11.84 5.37 -16.74
CA ASP A 176 -10.90 4.43 -16.11
C ASP A 176 -10.53 4.87 -14.70
N TYR A 177 -10.38 3.90 -13.81
CA TYR A 177 -9.99 4.21 -12.43
C TYR A 177 -9.05 3.17 -11.88
N TRP A 178 -8.30 3.56 -10.85
CA TRP A 178 -7.55 2.67 -9.97
C TRP A 178 -8.38 2.47 -8.72
N ILE A 179 -8.29 1.28 -8.13
CA ILE A 179 -8.88 1.07 -6.81
C ILE A 179 -7.77 1.15 -5.77
N VAL A 180 -7.96 2.07 -4.83
CA VAL A 180 -6.95 2.43 -3.87
C VAL A 180 -7.45 2.07 -2.49
N LYS A 181 -6.63 1.32 -1.76
CA LYS A 181 -6.85 1.02 -0.35
C LYS A 181 -6.13 2.06 0.49
N ASN A 182 -6.88 2.85 1.24
CA ASN A 182 -6.28 3.85 2.12
C ASN A 182 -6.26 3.34 3.56
N SER A 183 -5.51 4.02 4.43
CA SER A 183 -5.42 3.62 5.83
C SER A 183 -5.99 4.70 6.75
N TRP A 184 -7.13 5.26 6.35
CA TRP A 184 -7.87 6.23 7.17
C TRP A 184 -9.12 5.61 7.76
N GLY A 185 -9.13 4.29 7.86
CA GLY A 185 -10.30 3.56 8.37
C GLY A 185 -11.47 3.55 7.41
N THR A 186 -12.57 2.94 7.84
CA THR A 186 -13.72 2.67 6.95
C THR A 186 -14.68 3.84 6.73
N THR A 187 -14.49 4.93 7.48
CA THR A 187 -15.41 6.06 7.42
C THR A 187 -15.01 7.06 6.32
N TRP A 188 -13.79 6.91 5.84
CA TRP A 188 -13.33 7.71 4.71
C TRP A 188 -13.65 6.98 3.41
N GLY A 189 -14.05 7.76 2.40
CA GLY A 189 -14.22 7.26 1.04
C GLY A 189 -15.29 6.20 0.89
N GLU A 190 -15.03 5.25 0.02
CA GLU A 190 -15.97 4.17 -0.23
C GLU A 190 -15.60 3.02 0.70
N GLU A 191 -16.04 3.19 1.95
CA GLU A 191 -15.67 2.30 3.07
C GLU A 191 -14.17 2.04 3.17
N GLY A 192 -13.39 3.11 3.00
CA GLY A 192 -11.95 3.04 3.15
C GLY A 192 -11.19 3.07 1.84
N TYR A 193 -11.88 2.75 0.74
CA TYR A 193 -11.28 2.71 -0.59
C TYR A 193 -11.63 3.96 -1.41
N MET A 194 -10.84 4.18 -2.46
CA MET A 194 -11.12 5.23 -3.42
C MET A 194 -10.92 4.72 -4.84
N ARG A 195 -11.86 5.08 -5.71
CA ARG A 195 -11.65 4.97 -7.14
C ARG A 195 -11.11 6.30 -7.62
N ILE A 196 -9.94 6.27 -8.21
CA ILE A 196 -9.24 7.47 -8.66
C ILE A 196 -8.90 7.34 -10.13
N GLN A 197 -9.05 8.43 -10.87
CA GLN A 197 -8.90 8.41 -12.32
C GLN A 197 -7.58 7.83 -12.80
N ARG A 198 -7.69 7.03 -13.87
CA ARG A 198 -6.58 6.31 -14.47
C ARG A 198 -6.48 6.67 -15.95
N ASN A 199 -5.29 6.50 -16.51
CA ASN A 199 -4.96 6.83 -17.90
C ASN A 199 -5.09 8.31 -18.20
N VAL A 200 -4.52 9.13 -17.33
CA VAL A 200 -4.49 10.57 -17.52
C VAL A 200 -3.11 10.98 -18.03
N GLY A 201 -2.15 10.07 -17.91
CA GLY A 201 -0.79 10.30 -18.39
C GLY A 201 0.15 10.89 -17.36
N GLY A 202 1.42 10.99 -17.75
CA GLY A 202 2.46 11.61 -16.95
C GLY A 202 2.63 10.95 -15.60
N VAL A 203 2.55 11.77 -14.55
CA VAL A 203 2.74 11.30 -13.17
C VAL A 203 1.52 10.56 -12.62
N GLY A 204 0.46 10.44 -13.41
CA GLY A 204 -0.80 9.86 -12.95
C GLY A 204 -1.60 10.80 -12.05
N GLN A 205 -2.87 10.48 -11.82
CA GLN A 205 -3.72 11.31 -10.96
C GLN A 205 -3.16 11.45 -9.55
N CYS A 206 -3.01 12.71 -9.11
CA CYS A 206 -2.40 13.08 -7.83
C CYS A 206 -0.98 12.54 -7.65
N GLY A 207 -0.29 12.33 -8.78
CA GLY A 207 1.06 11.76 -8.79
C GLY A 207 1.18 10.30 -8.41
N ILE A 208 0.10 9.53 -8.62
CA ILE A 208 0.01 8.11 -8.20
C ILE A 208 1.05 7.18 -8.84
N ALA A 209 1.50 7.55 -10.05
CA ALA A 209 2.46 6.78 -10.84
C ALA A 209 3.93 7.17 -10.62
N LYS A 210 4.19 8.09 -9.67
CA LYS A 210 5.55 8.60 -9.48
C LYS A 210 6.46 7.67 -8.70
N LYS A 211 5.92 7.00 -7.68
CA LYS A 211 6.75 6.25 -6.76
C LYS A 211 6.09 4.91 -6.39
N ALA A 212 5.84 4.09 -7.42
CA ALA A 212 5.21 2.79 -7.26
C ALA A 212 6.24 1.68 -7.11
N SER A 213 5.97 0.75 -6.20
CA SER A 213 6.80 -0.43 -5.96
C SER A 213 5.95 -1.57 -5.38
N TYR A 214 6.48 -2.78 -5.47
CA TYR A 214 5.75 -3.97 -5.03
C TYR A 214 6.77 -5.03 -4.58
N PRO A 215 6.39 -5.87 -3.60
CA PRO A 215 7.30 -6.91 -3.13
C PRO A 215 7.25 -8.15 -4.02
N VAL A 216 8.33 -8.92 -4.04
CA VAL A 216 8.41 -10.11 -4.91
C VAL A 216 8.62 -11.38 -4.10
N LYS A 217 7.93 -12.44 -4.51
CA LYS A 217 8.11 -13.80 -4.00
C LYS A 217 8.37 -14.68 -5.23
N TYR A 218 9.48 -15.39 -5.22
CA TYR A 218 9.93 -16.14 -6.40
C TYR A 218 9.01 -17.29 -6.81
N TYR A 219 8.33 -17.90 -5.85
CA TYR A 219 7.63 -19.15 -6.12
C TYR A 219 6.13 -19.07 -5.88
N ASN A 220 5.37 -19.76 -6.74
CA ASN A 220 3.92 -19.78 -6.65
C ASN A 220 3.35 -21.18 -6.50
CD CD B . -10.12 3.65 -21.20
CD CD C . -0.48 10.68 5.37
CD CD D . 13.49 -14.11 23.99
CD CD D . 13.58 -12.23 25.04
CD CD E . -20.60 -1.98 3.69
CD CD F . -13.57 -9.50 6.58
CD CD G . 16.23 4.20 2.06
CD CD H . -13.15 -0.88 10.37
#